data_7F7W
#
_entry.id   7F7W
#
_cell.length_a   60.980
_cell.length_b   57.770
_cell.length_c   86.240
_cell.angle_alpha   90.000
_cell.angle_beta   109.320
_cell.angle_gamma   90.000
#
_symmetry.space_group_name_H-M   'P 1 21 1'
#
loop_
_entity.id
_entity.type
_entity.pdbx_description
1 polymer 'Tyrosine-protein kinase JAK2'
2 non-polymer 2-((1-(2-fluoro-4-((4-(1-isopropyl-1H-pyrazol-4-yl)-5-methylpyrimidin-2-yl)amino)phenyl)piperidin-4-yl)(methyl)amino)ethan-1-ol
3 water water
#
_entity_poly.entity_id   1
_entity_poly.type   'polypeptide(L)'
_entity_poly.pdbx_seq_one_letter_code
;VFHKIRNEDLIFNESLGQGTFTKIFKGVRREVGDYGQLHETEVLLKVLDKAHRNYSESFFEAASMMSKLSHKHLVLNYGV
CFCGDENILVQEFVKFGSLDTYLKKNKNCINILWKLEVAKQLAWAMHFLEENTLIHGNVCAKNILLIREEDRKTGNPPFI
KLSDPGISITVLPKDILQERIPWVPPECIENPKNLNLATDKWSFGTTLWEICSGGDKPLSALDSQRKLQFYEDRHQLPAP
KAAELANLINNCMDYEPDHRPSFRAIIRDLNSLFT
;
_entity_poly.pdbx_strand_id   A,B
#
loop_
_chem_comp.id
_chem_comp.type
_chem_comp.name
_chem_comp.formula
36H non-polymer 2-((1-(2-fluoro-4-((4-(1-isopropyl-1H-pyrazol-4-yl)-5-methylpyrimidin-2-yl)amino)phenyl)piperidin-4-yl)(methyl)amino)ethan-1-ol 'C25 H34 F N7 O'
#
# COMPACT_ATOMS: atom_id res chain seq x y z
N VAL A 1 -3.55 -19.09 2.69
CA VAL A 1 -4.85 -19.60 3.10
C VAL A 1 -5.45 -18.76 4.22
N PHE A 2 -6.59 -19.19 4.74
CA PHE A 2 -7.29 -18.46 5.79
C PHE A 2 -6.93 -18.91 7.18
N HIS A 3 -6.59 -17.94 8.03
CA HIS A 3 -6.44 -18.16 9.45
C HIS A 3 -7.71 -18.81 9.97
N LYS A 4 -7.55 -19.94 10.66
CA LYS A 4 -8.72 -20.69 11.15
C LYS A 4 -9.07 -20.27 12.58
N ILE A 5 -10.29 -19.75 12.74
CA ILE A 5 -10.74 -19.20 14.02
C ILE A 5 -11.69 -20.15 14.73
N ARG A 6 -11.51 -20.22 16.05
CA ARG A 6 -12.23 -21.16 16.89
C ARG A 6 -13.58 -20.61 17.32
N ASN A 7 -14.59 -21.48 17.30
CA ASN A 7 -15.93 -21.12 17.72
C ASN A 7 -15.94 -20.52 19.13
N GLU A 8 -15.06 -21.05 19.97
CA GLU A 8 -14.96 -20.62 21.36
C GLU A 8 -14.62 -19.14 21.50
N ASP A 9 -13.90 -18.60 20.52
CA ASP A 9 -13.43 -17.22 20.58
C ASP A 9 -14.38 -16.23 19.91
N LEU A 10 -15.54 -16.69 19.47
CA LEU A 10 -16.51 -15.83 18.79
C LEU A 10 -17.81 -15.71 19.56
N ILE A 11 -18.28 -14.49 19.71
CA ILE A 11 -19.62 -14.23 20.22
C ILE A 11 -20.49 -13.65 19.10
N PHE A 12 -21.62 -14.30 18.83
CA PHE A 12 -22.60 -13.80 17.87
C PHE A 12 -23.59 -12.84 18.51
N ASN A 13 -23.67 -11.64 17.98
CA ASN A 13 -24.68 -10.68 18.39
C ASN A 13 -25.67 -10.35 17.25
N GLU A 14 -26.07 -9.10 17.11
CA GLU A 14 -27.29 -8.81 16.37
C GLU A 14 -27.13 -9.06 14.87
N SER A 15 -28.25 -9.44 14.26
CA SER A 15 -28.34 -9.61 12.81
C SER A 15 -28.22 -8.26 12.13
N LEU A 16 -27.47 -8.21 11.05
CA LEU A 16 -27.30 -6.98 10.32
C LEU A 16 -27.91 -7.08 8.91
N GLY A 17 -28.49 -8.24 8.61
CA GLY A 17 -29.18 -8.44 7.35
C GLY A 17 -28.81 -9.72 6.64
N GLN A 18 -28.95 -9.71 5.31
CA GLN A 18 -28.78 -10.88 4.48
C GLN A 18 -28.07 -10.53 3.19
N GLY A 19 -27.34 -11.49 2.64
CA GLY A 19 -26.85 -11.43 1.27
C GLY A 19 -27.51 -12.59 0.52
N THR A 20 -26.95 -12.96 -0.62
CA THR A 20 -27.52 -14.07 -1.37
C THR A 20 -27.12 -15.40 -0.71
N PHE A 21 -28.12 -16.07 -0.15
CA PHE A 21 -27.92 -17.34 0.56
C PHE A 21 -27.04 -17.16 1.80
N THR A 22 -27.02 -15.94 2.35
CA THR A 22 -26.22 -15.66 3.53
C THR A 22 -26.93 -14.77 4.53
N LYS A 23 -26.47 -14.83 5.78
CA LYS A 23 -26.92 -13.95 6.84
C LYS A 23 -25.68 -13.38 7.49
N ILE A 24 -25.74 -12.10 7.83
CA ILE A 24 -24.63 -11.43 8.48
C ILE A 24 -25.03 -10.98 9.87
N PHE A 25 -24.05 -11.09 10.78
CA PHE A 25 -24.22 -10.73 12.17
C PHE A 25 -23.04 -9.92 12.65
N LYS A 26 -23.30 -8.95 13.53
CA LYS A 26 -22.23 -8.33 14.30
C LYS A 26 -21.78 -9.30 15.40
N GLY A 27 -20.48 -9.29 15.67
CA GLY A 27 -19.91 -10.21 16.63
C GLY A 27 -18.67 -9.65 17.30
N VAL A 28 -18.13 -10.47 18.21
CA VAL A 28 -16.94 -10.13 18.98
C VAL A 28 -15.95 -11.28 18.88
N ARG A 29 -14.69 -10.95 18.60
CA ARG A 29 -13.63 -11.95 18.57
C ARG A 29 -12.63 -11.73 19.70
N ARG A 30 -12.47 -12.72 20.57
CA ARG A 30 -11.42 -12.71 21.59
C ARG A 30 -10.11 -13.10 20.94
N GLU A 31 -9.11 -12.25 21.05
CA GLU A 31 -7.82 -12.60 20.47
C GLU A 31 -6.65 -11.96 21.22
N VAL A 32 -5.49 -12.53 21.01
CA VAL A 32 -4.24 -11.90 21.44
C VAL A 32 -3.72 -11.01 20.30
N GLY A 33 -3.48 -9.74 20.60
CA GLY A 33 -3.03 -8.77 19.62
C GLY A 33 -1.55 -8.44 19.72
N ASP A 34 -1.15 -7.31 19.16
CA ASP A 34 0.24 -6.88 19.25
C ASP A 34 0.65 -6.76 20.70
N TYR A 35 1.92 -7.06 20.94
CA TYR A 35 2.53 -7.01 22.26
C TYR A 35 1.90 -7.98 23.23
N GLY A 36 1.11 -8.93 22.72
CA GLY A 36 0.48 -9.93 23.57
C GLY A 36 -0.67 -9.39 24.39
N GLN A 37 -1.18 -8.23 24.01
CA GLN A 37 -2.33 -7.65 24.70
C GLN A 37 -3.63 -8.35 24.29
N LEU A 38 -4.52 -8.57 25.24
CA LEU A 38 -5.83 -9.19 24.95
C LEU A 38 -6.82 -8.17 24.41
N HIS A 39 -7.50 -8.56 23.33
CA HIS A 39 -8.53 -7.73 22.70
C HIS A 39 -9.84 -8.47 22.54
N GLU A 40 -10.93 -7.70 22.60
CA GLU A 40 -12.25 -8.17 22.19
C GLU A 40 -12.61 -7.34 20.97
N THR A 41 -12.37 -7.92 19.81
CA THR A 41 -12.44 -7.23 18.53
C THR A 41 -13.82 -7.38 17.90
N GLU A 42 -14.45 -6.27 17.53
CA GLU A 42 -15.69 -6.31 16.74
C GLU A 42 -15.44 -6.95 15.38
N VAL A 43 -16.32 -7.85 14.98
CA VAL A 43 -16.20 -8.54 13.70
C VAL A 43 -17.55 -8.70 13.00
N LEU A 44 -17.48 -8.96 11.70
CA LEU A 44 -18.65 -9.27 10.88
C LEU A 44 -18.64 -10.76 10.63
N LEU A 45 -19.69 -11.44 11.07
CA LEU A 45 -19.80 -12.89 10.86
C LEU A 45 -20.79 -13.19 9.74
N LYS A 46 -20.28 -13.76 8.67
CA LYS A 46 -21.05 -14.03 7.48
C LYS A 46 -21.26 -15.53 7.37
N VAL A 47 -22.52 -15.93 7.44
CA VAL A 47 -22.89 -17.33 7.54
C VAL A 47 -23.64 -17.81 6.31
N LEU A 48 -23.06 -18.77 5.59
CA LEU A 48 -23.77 -19.44 4.51
C LEU A 48 -24.97 -20.17 5.07
N ASP A 49 -26.13 -20.00 4.44
CA ASP A 49 -27.36 -20.68 4.87
C ASP A 49 -27.17 -22.20 4.87
N LYS A 50 -27.76 -22.87 5.86
CA LYS A 50 -27.68 -24.32 5.97
C LYS A 50 -28.11 -25.01 4.68
N ALA A 51 -29.21 -24.53 4.12
CA ALA A 51 -29.84 -25.16 2.96
C ALA A 51 -29.15 -24.84 1.63
N HIS A 52 -27.96 -24.26 1.68
CA HIS A 52 -27.24 -23.90 0.47
C HIS A 52 -25.76 -24.21 0.63
N ARG A 53 -25.47 -25.30 1.35
CA ARG A 53 -24.10 -25.65 1.67
C ARG A 53 -23.30 -26.15 0.48
N ASN A 54 -23.97 -26.53 -0.59
CA ASN A 54 -23.28 -26.98 -1.80
C ASN A 54 -22.57 -25.81 -2.49
N TYR A 55 -22.92 -24.59 -2.09
CA TYR A 55 -22.26 -23.39 -2.62
C TYR A 55 -21.05 -23.00 -1.79
N SER A 56 -20.64 -23.84 -0.84
CA SER A 56 -19.60 -23.46 0.11
C SER A 56 -18.28 -23.14 -0.57
N GLU A 57 -17.94 -23.85 -1.64
CA GLU A 57 -16.68 -23.59 -2.35
C GLU A 57 -16.65 -22.18 -2.93
N SER A 58 -17.70 -21.81 -3.66
CA SER A 58 -17.80 -20.48 -4.25
C SER A 58 -17.85 -19.41 -3.17
N PHE A 59 -18.53 -19.73 -2.08
CA PHE A 59 -18.65 -18.85 -0.92
C PHE A 59 -17.28 -18.43 -0.40
N PHE A 60 -16.37 -19.40 -0.24
CA PHE A 60 -15.05 -19.14 0.32
C PHE A 60 -14.04 -18.71 -0.74
N GLU A 61 -14.17 -19.20 -1.97
CA GLU A 61 -13.31 -18.75 -3.05
C GLU A 61 -13.50 -17.25 -3.27
N ALA A 62 -14.73 -16.78 -3.11
CA ALA A 62 -15.03 -15.36 -3.23
C ALA A 62 -14.22 -14.54 -2.23
N ALA A 63 -14.25 -14.96 -0.97
CA ALA A 63 -13.48 -14.28 0.06
C ALA A 63 -11.98 -14.52 -0.13
N SER A 64 -11.63 -15.71 -0.62
CA SER A 64 -10.22 -16.11 -0.73
C SER A 64 -9.44 -15.23 -1.69
N MET A 65 -9.98 -15.00 -2.88
CA MET A 65 -9.29 -14.18 -3.88
C MET A 65 -9.12 -12.76 -3.34
N MET A 66 -10.12 -12.28 -2.64
CA MET A 66 -10.09 -10.98 -2.01
C MET A 66 -8.95 -10.86 -0.99
N SER A 67 -8.63 -11.97 -0.35
CA SER A 67 -7.70 -11.97 0.78
C SER A 67 -6.25 -12.29 0.41
N LYS A 68 -6.02 -12.60 -0.85
CA LYS A 68 -4.65 -12.79 -1.34
C LYS A 68 -4.08 -11.45 -1.80
N LEU A 69 -4.93 -10.42 -1.77
CA LEU A 69 -4.51 -9.05 -2.03
C LEU A 69 -4.69 -8.23 -0.76
N SER A 70 -3.92 -7.16 -0.63
CA SER A 70 -4.08 -6.22 0.46
C SER A 70 -4.18 -4.82 -0.13
N HIS A 71 -5.19 -4.06 0.29
CA HIS A 71 -5.42 -2.73 -0.26
C HIS A 71 -6.36 -1.94 0.65
N LYS A 72 -6.14 -0.63 0.75
CA LYS A 72 -6.90 0.18 1.70
C LYS A 72 -8.40 0.23 1.42
N HIS A 73 -8.82 -0.09 0.20
CA HIS A 73 -10.24 -0.01 -0.17
C HIS A 73 -10.88 -1.38 -0.30
N LEU A 74 -10.19 -2.41 0.17
CA LEU A 74 -10.73 -3.76 0.17
C LEU A 74 -10.96 -4.27 1.59
N VAL A 75 -12.15 -4.80 1.84
N VAL A 75 -12.15 -4.82 1.84
CA VAL A 75 -12.48 -5.31 3.16
CA VAL A 75 -12.49 -5.33 3.16
C VAL A 75 -11.48 -6.37 3.58
C VAL A 75 -11.53 -6.42 3.59
N LEU A 76 -11.09 -6.33 4.85
CA LEU A 76 -10.17 -7.31 5.40
C LEU A 76 -10.90 -8.57 5.85
N ASN A 77 -10.37 -9.73 5.48
CA ASN A 77 -10.83 -10.99 6.05
C ASN A 77 -9.93 -11.47 7.19
N TYR A 78 -10.50 -11.73 8.36
CA TYR A 78 -9.71 -12.18 9.51
C TYR A 78 -9.49 -13.68 9.45
N GLY A 79 -10.45 -14.39 8.90
CA GLY A 79 -10.33 -15.82 8.79
C GLY A 79 -11.64 -16.51 8.59
N VAL A 80 -11.61 -17.81 8.83
CA VAL A 80 -12.76 -18.66 8.64
C VAL A 80 -12.99 -19.50 9.88
N CYS A 81 -14.23 -19.87 10.09
CA CYS A 81 -14.59 -20.81 11.14
C CYS A 81 -15.33 -21.98 10.50
N PHE A 82 -14.57 -22.93 9.95
CA PHE A 82 -15.12 -24.14 9.36
C PHE A 82 -15.85 -24.97 10.42
N CYS A 83 -15.35 -24.84 11.65
CA CYS A 83 -15.82 -25.62 12.80
C CYS A 83 -17.31 -25.93 12.81
N GLY A 84 -17.62 -27.21 12.93
CA GLY A 84 -18.98 -27.66 13.19
C GLY A 84 -19.94 -27.57 12.02
N ASP A 85 -21.19 -27.30 12.38
CA ASP A 85 -22.33 -27.33 11.48
C ASP A 85 -22.27 -26.28 10.36
N GLU A 86 -21.74 -25.10 10.68
CA GLU A 86 -21.86 -23.95 9.79
C GLU A 86 -20.56 -23.54 9.09
N ASN A 87 -20.71 -22.86 7.95
CA ASN A 87 -19.60 -22.24 7.20
C ASN A 87 -19.58 -20.73 7.43
N ILE A 88 -18.54 -20.23 8.10
CA ILE A 88 -18.54 -18.83 8.53
C ILE A 88 -17.28 -18.07 8.14
N LEU A 89 -17.50 -16.94 7.46
CA LEU A 89 -16.43 -16.00 7.15
C LEU A 89 -16.38 -14.95 8.23
N VAL A 90 -15.19 -14.72 8.78
CA VAL A 90 -15.00 -13.68 9.78
C VAL A 90 -14.25 -12.51 9.18
N GLN A 91 -14.93 -11.37 9.07
CA GLN A 91 -14.39 -10.21 8.40
C GLN A 91 -14.36 -9.00 9.32
N GLU A 92 -13.66 -7.95 8.89
CA GLU A 92 -13.62 -6.73 9.66
C GLU A 92 -15.01 -6.14 9.75
N PHE A 93 -15.32 -5.56 10.90
CA PHE A 93 -16.58 -4.87 11.07
C PHE A 93 -16.44 -3.41 10.65
N VAL A 94 -17.37 -2.97 9.83
CA VAL A 94 -17.40 -1.61 9.26
C VAL A 94 -18.60 -0.89 9.86
N LYS A 95 -18.32 0.21 10.54
CA LYS A 95 -19.29 0.87 11.41
C LYS A 95 -20.65 1.24 10.77
N PHE A 96 -20.61 1.88 9.61
CA PHE A 96 -21.80 2.53 9.06
C PHE A 96 -22.52 1.69 8.00
N GLY A 97 -22.02 0.49 7.74
CA GLY A 97 -22.74 -0.47 6.92
C GLY A 97 -22.71 -0.17 5.43
N SER A 98 -23.72 -0.69 4.74
CA SER A 98 -23.78 -0.65 3.29
C SER A 98 -24.08 0.74 2.73
N LEU A 99 -23.45 1.04 1.60
CA LEU A 99 -23.62 2.33 0.98
C LEU A 99 -25.05 2.59 0.50
N ASP A 100 -25.73 1.55 0.02
CA ASP A 100 -27.07 1.74 -0.53
C ASP A 100 -28.01 2.20 0.59
N THR A 101 -27.88 1.62 1.79
CA THR A 101 -28.74 2.03 2.90
C THR A 101 -28.37 3.42 3.40
N TYR A 102 -27.08 3.71 3.44
CA TYR A 102 -26.58 5.01 3.87
C TYR A 102 -27.03 6.13 2.95
N LEU A 103 -26.97 5.89 1.64
CA LEU A 103 -27.46 6.83 0.64
C LEU A 103 -28.93 7.16 0.86
N LYS A 104 -29.73 6.13 1.11
CA LYS A 104 -31.17 6.32 1.28
C LYS A 104 -31.45 7.16 2.53
N LYS A 105 -30.79 6.82 3.62
CA LYS A 105 -31.03 7.50 4.88
C LYS A 105 -30.55 8.95 4.87
N ASN A 106 -29.41 9.19 4.23
CA ASN A 106 -28.79 10.50 4.28
C ASN A 106 -28.81 11.20 2.93
N LYS A 107 -29.78 10.83 2.11
CA LYS A 107 -29.93 11.35 0.74
C LYS A 107 -29.85 12.86 0.66
N ASN A 108 -30.34 13.53 1.69
CA ASN A 108 -30.51 14.98 1.67
C ASN A 108 -29.33 15.72 2.32
N CYS A 109 -28.31 14.96 2.70
CA CYS A 109 -27.10 15.52 3.28
C CYS A 109 -25.91 15.25 2.35
N ILE A 110 -26.17 14.47 1.30
CA ILE A 110 -25.12 14.03 0.39
C ILE A 110 -25.13 14.88 -0.88
N ASN A 111 -24.06 15.63 -1.10
CA ASN A 111 -23.91 16.48 -2.27
C ASN A 111 -22.96 15.91 -3.30
N ILE A 112 -22.79 16.63 -4.40
CA ILE A 112 -22.00 16.16 -5.54
C ILE A 112 -20.56 15.80 -5.16
N LEU A 113 -19.95 16.56 -4.26
CA LEU A 113 -18.56 16.31 -3.90
C LEU A 113 -18.38 15.00 -3.14
N TRP A 114 -19.31 14.72 -2.24
CA TRP A 114 -19.39 13.45 -1.53
C TRP A 114 -19.42 12.28 -2.52
N LYS A 115 -20.36 12.35 -3.47
CA LYS A 115 -20.49 11.33 -4.51
C LYS A 115 -19.23 11.13 -5.33
N LEU A 116 -18.61 12.23 -5.74
CA LEU A 116 -17.40 12.18 -6.54
C LEU A 116 -16.27 11.48 -5.80
N GLU A 117 -16.14 11.78 -4.51
CA GLU A 117 -15.09 11.18 -3.68
C GLU A 117 -15.28 9.67 -3.57
N VAL A 118 -16.52 9.25 -3.31
CA VAL A 118 -16.81 7.82 -3.21
C VAL A 118 -16.59 7.11 -4.55
N ALA A 119 -17.02 7.75 -5.64
CA ALA A 119 -16.85 7.18 -6.96
C ALA A 119 -15.37 7.00 -7.29
N LYS A 120 -14.57 7.99 -6.94
CA LYS A 120 -13.11 7.95 -7.13
C LYS A 120 -12.42 6.84 -6.34
N GLN A 121 -12.85 6.67 -5.09
CA GLN A 121 -12.35 5.59 -4.26
C GLN A 121 -12.74 4.23 -4.83
N LEU A 122 -13.99 4.08 -5.28
CA LEU A 122 -14.41 2.80 -5.86
C LEU A 122 -13.61 2.53 -7.14
N ALA A 123 -13.40 3.54 -7.96
CA ALA A 123 -12.61 3.35 -9.19
C ALA A 123 -11.17 2.96 -8.86
N TRP A 124 -10.63 3.49 -7.77
CA TRP A 124 -9.26 3.13 -7.37
C TRP A 124 -9.17 1.66 -7.01
N ALA A 125 -10.16 1.18 -6.28
CA ALA A 125 -10.21 -0.22 -5.91
C ALA A 125 -10.34 -1.10 -7.13
N MET A 126 -11.20 -0.71 -8.05
CA MET A 126 -11.43 -1.50 -9.25
C MET A 126 -10.19 -1.46 -10.16
N HIS A 127 -9.51 -0.30 -10.19
CA HIS A 127 -8.25 -0.17 -10.93
C HIS A 127 -7.20 -1.13 -10.38
N PHE A 128 -7.11 -1.19 -9.06
CA PHE A 128 -6.21 -2.12 -8.40
C PHE A 128 -6.55 -3.54 -8.81
N LEU A 129 -7.83 -3.88 -8.85
CA LEU A 129 -8.21 -5.24 -9.22
C LEU A 129 -7.86 -5.51 -10.69
N GLU A 130 -8.08 -4.52 -11.56
CA GLU A 130 -7.84 -4.67 -12.99
C GLU A 130 -6.35 -4.92 -13.25
N GLU A 131 -5.50 -4.15 -12.58
CA GLU A 131 -4.05 -4.31 -12.65
C GLU A 131 -3.61 -5.72 -12.21
N ASN A 132 -4.32 -6.29 -11.25
CA ASN A 132 -4.03 -7.64 -10.80
C ASN A 132 -4.84 -8.68 -11.58
N THR A 133 -5.53 -8.23 -12.62
CA THR A 133 -6.36 -9.09 -13.45
C THR A 133 -7.26 -10.00 -12.62
N LEU A 134 -7.86 -9.42 -11.58
CA LEU A 134 -8.79 -10.15 -10.73
C LEU A 134 -10.19 -9.63 -10.93
N ILE A 135 -11.11 -10.56 -11.19
CA ILE A 135 -12.51 -10.24 -11.39
C ILE A 135 -13.22 -10.26 -10.03
N HIS A 136 -14.00 -9.21 -9.76
CA HIS A 136 -14.86 -9.17 -8.58
C HIS A 136 -16.18 -9.89 -8.89
N GLY A 137 -16.92 -9.37 -9.86
CA GLY A 137 -18.10 -10.04 -10.37
C GLY A 137 -19.40 -9.69 -9.66
N ASN A 138 -19.32 -8.81 -8.66
CA ASN A 138 -20.54 -8.35 -8.00
C ASN A 138 -20.39 -6.98 -7.37
N VAL A 139 -20.02 -6.01 -8.20
CA VAL A 139 -19.94 -4.62 -7.78
C VAL A 139 -21.32 -4.01 -7.73
N CYS A 140 -21.68 -3.50 -6.56
CA CYS A 140 -22.98 -2.87 -6.34
C CYS A 140 -22.91 -2.10 -5.04
N ALA A 141 -23.79 -1.13 -4.85
CA ALA A 141 -23.73 -0.28 -3.67
C ALA A 141 -23.94 -1.09 -2.37
N LYS A 142 -24.67 -2.20 -2.46
CA LYS A 142 -24.87 -3.05 -1.29
C LYS A 142 -23.53 -3.63 -0.80
N ASN A 143 -22.62 -3.87 -1.75
CA ASN A 143 -21.32 -4.46 -1.42
C ASN A 143 -20.23 -3.41 -1.16
N ILE A 144 -20.64 -2.15 -1.06
CA ILE A 144 -19.72 -1.10 -0.65
C ILE A 144 -20.04 -0.67 0.77
N LEU A 145 -19.02 -0.62 1.61
CA LEU A 145 -19.18 -0.33 3.02
C LEU A 145 -18.52 0.99 3.38
N LEU A 146 -19.19 1.75 4.24
CA LEU A 146 -18.70 3.06 4.67
C LEU A 146 -18.00 2.94 6.02
N ILE A 147 -16.68 3.14 5.98
CA ILE A 147 -15.79 3.08 7.13
C ILE A 147 -15.87 4.33 7.98
N ARG A 148 -15.99 5.46 7.30
CA ARG A 148 -15.87 6.76 7.91
C ARG A 148 -16.81 7.73 7.21
N GLU A 149 -17.54 8.53 7.98
CA GLU A 149 -18.41 9.54 7.39
C GLU A 149 -17.59 10.78 7.05
N GLU A 150 -18.14 11.60 6.17
CA GLU A 150 -17.55 12.90 5.87
C GLU A 150 -17.56 13.80 7.10
N ASP A 151 -16.54 14.64 7.22
CA ASP A 151 -16.48 15.67 8.24
C ASP A 151 -16.02 16.96 7.58
N ARG A 152 -16.93 17.91 7.45
CA ARG A 152 -16.70 19.11 6.65
C ARG A 152 -16.27 20.26 7.57
N LYS A 153 -15.72 19.88 8.73
CA LYS A 153 -15.15 20.85 9.66
C LYS A 153 -13.73 20.43 10.04
N THR A 154 -13.33 19.22 9.65
CA THR A 154 -11.95 18.76 9.80
C THR A 154 -11.39 18.33 8.45
N GLY A 155 -12.14 18.58 7.38
CA GLY A 155 -11.66 18.30 6.04
C GLY A 155 -11.84 16.86 5.57
N ASN A 156 -12.03 15.95 6.51
CA ASN A 156 -12.08 14.51 6.21
C ASN A 156 -13.17 14.13 5.20
N PRO A 157 -12.77 13.51 4.08
CA PRO A 157 -13.80 12.95 3.20
C PRO A 157 -14.31 11.60 3.72
N PRO A 158 -15.42 11.11 3.16
CA PRO A 158 -15.86 9.76 3.54
C PRO A 158 -14.85 8.73 3.06
N PHE A 159 -14.93 7.52 3.57
CA PHE A 159 -13.99 6.48 3.17
C PHE A 159 -14.75 5.17 3.06
N ILE A 160 -14.59 4.50 1.92
CA ILE A 160 -15.29 3.26 1.66
C ILE A 160 -14.34 2.08 1.46
N LYS A 161 -14.91 0.89 1.58
CA LYS A 161 -14.25 -0.35 1.20
C LYS A 161 -15.23 -1.24 0.43
N LEU A 162 -14.68 -2.00 -0.52
CA LEU A 162 -15.44 -2.99 -1.28
C LEU A 162 -15.39 -4.34 -0.60
N SER A 163 -16.55 -4.96 -0.41
CA SER A 163 -16.62 -6.25 0.26
C SER A 163 -16.52 -7.35 -0.78
N ASP A 164 -16.39 -8.59 -0.31
CA ASP A 164 -16.20 -9.73 -1.19
C ASP A 164 -17.45 -9.98 -2.04
N PRO A 165 -17.27 -10.61 -3.22
CA PRO A 165 -18.37 -10.75 -4.20
C PRO A 165 -19.50 -11.67 -3.77
N GLY A 166 -19.22 -12.58 -2.86
CA GLY A 166 -20.20 -13.61 -2.52
C GLY A 166 -20.20 -14.72 -3.57
N ILE A 167 -21.19 -15.59 -3.50
CA ILE A 167 -21.28 -16.72 -4.40
C ILE A 167 -21.31 -16.23 -5.85
N SER A 168 -20.41 -16.76 -6.66
CA SER A 168 -20.23 -16.33 -8.05
C SER A 168 -21.47 -16.52 -8.91
N ILE A 169 -21.68 -15.61 -9.87
CA ILE A 169 -22.82 -15.70 -10.78
C ILE A 169 -22.71 -16.92 -11.69
N THR A 170 -21.52 -17.48 -11.79
CA THR A 170 -21.29 -18.64 -12.64
C THR A 170 -22.01 -19.89 -12.11
N VAL A 171 -22.29 -19.93 -10.81
CA VAL A 171 -22.92 -21.10 -10.21
C VAL A 171 -24.30 -20.81 -9.62
N LEU A 172 -24.72 -19.56 -9.69
CA LEU A 172 -26.02 -19.18 -9.13
C LEU A 172 -27.19 -19.56 -10.05
N PRO A 173 -28.38 -19.79 -9.48
CA PRO A 173 -29.59 -20.03 -10.26
C PRO A 173 -29.90 -18.89 -11.22
N LYS A 174 -30.51 -19.19 -12.37
CA LYS A 174 -30.83 -18.18 -13.37
C LYS A 174 -31.70 -17.07 -12.79
N ASP A 175 -32.66 -17.43 -11.95
CA ASP A 175 -33.61 -16.46 -11.40
C ASP A 175 -32.91 -15.36 -10.60
N ILE A 176 -31.87 -15.74 -9.85
CA ILE A 176 -31.13 -14.74 -9.08
C ILE A 176 -30.35 -13.82 -10.01
N LEU A 177 -29.77 -14.38 -11.06
CA LEU A 177 -29.06 -13.58 -12.05
C LEU A 177 -29.98 -12.58 -12.73
N GLN A 178 -31.19 -13.02 -13.08
CA GLN A 178 -32.09 -12.14 -13.79
C GLN A 178 -32.55 -11.01 -12.87
N GLU A 179 -32.71 -11.33 -11.60
CA GLU A 179 -33.10 -10.32 -10.62
C GLU A 179 -31.99 -9.29 -10.41
N ARG A 180 -30.75 -9.70 -10.69
CA ARG A 180 -29.60 -8.81 -10.54
C ARG A 180 -29.34 -7.94 -11.77
N ILE A 181 -30.21 -8.02 -12.76
CA ILE A 181 -30.23 -7.01 -13.81
C ILE A 181 -30.66 -5.70 -13.14
N PRO A 182 -29.98 -4.58 -13.42
CA PRO A 182 -28.91 -4.33 -14.41
C PRO A 182 -27.47 -4.29 -13.88
N TRP A 183 -27.16 -4.96 -12.78
CA TRP A 183 -25.77 -5.04 -12.33
C TRP A 183 -25.03 -6.09 -13.13
N VAL A 184 -25.69 -7.22 -13.38
CA VAL A 184 -25.07 -8.26 -14.15
C VAL A 184 -25.16 -7.85 -15.61
N PRO A 185 -24.02 -7.86 -16.32
CA PRO A 185 -24.08 -7.34 -17.70
C PRO A 185 -24.80 -8.27 -18.67
N PRO A 186 -25.26 -7.74 -19.81
CA PRO A 186 -26.00 -8.53 -20.79
C PRO A 186 -25.26 -9.80 -21.23
N GLU A 187 -23.96 -9.74 -21.47
CA GLU A 187 -23.26 -10.93 -21.94
C GLU A 187 -23.24 -12.03 -20.87
N CYS A 188 -23.40 -11.66 -19.60
CA CYS A 188 -23.43 -12.67 -18.53
C CYS A 188 -24.82 -13.28 -18.35
N ILE A 189 -25.86 -12.54 -18.74
CA ILE A 189 -27.21 -13.09 -18.77
C ILE A 189 -27.30 -14.13 -19.89
N GLU A 190 -26.64 -13.86 -21.01
CA GLU A 190 -26.61 -14.81 -22.11
C GLU A 190 -25.76 -16.03 -21.73
N ASN A 191 -24.67 -15.79 -21.01
CA ASN A 191 -23.79 -16.86 -20.55
C ASN A 191 -22.97 -16.37 -19.36
N PRO A 192 -23.39 -16.74 -18.13
CA PRO A 192 -22.72 -16.29 -16.91
C PRO A 192 -21.21 -16.52 -16.93
N LYS A 193 -20.76 -17.51 -17.69
CA LYS A 193 -19.33 -17.78 -17.74
C LYS A 193 -18.62 -16.84 -18.70
N ASN A 194 -19.34 -15.83 -19.21
CA ASN A 194 -18.69 -14.72 -19.92
C ASN A 194 -18.04 -13.75 -18.93
N LEU A 195 -17.98 -14.16 -17.68
CA LEU A 195 -17.36 -13.39 -16.61
C LEU A 195 -15.93 -12.98 -16.97
N ASN A 196 -15.69 -11.68 -16.97
CA ASN A 196 -14.50 -11.08 -17.56
C ASN A 196 -14.19 -9.79 -16.80
N LEU A 197 -13.00 -9.23 -17.01
CA LEU A 197 -12.69 -7.92 -16.44
C LEU A 197 -13.72 -6.89 -16.91
N ALA A 198 -14.11 -6.97 -18.19
CA ALA A 198 -15.15 -6.10 -18.74
C ALA A 198 -16.44 -6.12 -17.91
N THR A 199 -16.71 -7.25 -17.26
CA THR A 199 -17.91 -7.40 -16.44
C THR A 199 -18.01 -6.30 -15.40
N ASP A 200 -16.90 -6.04 -14.71
CA ASP A 200 -16.93 -5.15 -13.57
C ASP A 200 -17.08 -3.69 -14.00
N LYS A 201 -16.72 -3.40 -15.23
CA LYS A 201 -16.89 -2.05 -15.76
C LYS A 201 -18.37 -1.73 -15.95
N TRP A 202 -19.14 -2.71 -16.40
CA TRP A 202 -20.58 -2.50 -16.56
C TRP A 202 -21.21 -2.24 -15.18
N SER A 203 -20.93 -3.13 -14.23
CA SER A 203 -21.49 -3.07 -12.88
C SER A 203 -21.08 -1.81 -12.14
N PHE A 204 -19.87 -1.33 -12.41
CA PHE A 204 -19.41 -0.05 -11.89
C PHE A 204 -20.33 1.08 -12.33
N GLY A 205 -20.72 1.08 -13.60
CA GLY A 205 -21.65 2.08 -14.09
C GLY A 205 -22.97 2.02 -13.35
N THR A 206 -23.46 0.81 -13.14
CA THR A 206 -24.74 0.63 -12.46
C THR A 206 -24.64 1.12 -11.00
N THR A 207 -23.50 0.89 -10.39
CA THR A 207 -23.24 1.34 -9.04
C THR A 207 -23.13 2.87 -8.97
N LEU A 208 -22.53 3.50 -9.98
CA LEU A 208 -22.53 4.95 -10.04
C LEU A 208 -23.93 5.53 -10.12
N TRP A 209 -24.78 4.87 -10.90
CA TRP A 209 -26.19 5.28 -10.98
C TRP A 209 -26.81 5.24 -9.57
N GLU A 210 -26.54 4.18 -8.81
CA GLU A 210 -27.04 4.09 -7.44
C GLU A 210 -26.58 5.27 -6.60
N ILE A 211 -25.27 5.51 -6.63
CA ILE A 211 -24.67 6.61 -5.89
C ILE A 211 -25.34 7.95 -6.23
N CYS A 212 -25.69 8.14 -7.49
CA CYS A 212 -26.26 9.41 -7.93
C CYS A 212 -27.74 9.51 -7.65
N SER A 213 -28.36 8.37 -7.33
CA SER A 213 -29.81 8.29 -7.22
C SER A 213 -30.30 8.10 -5.80
N GLY A 214 -29.44 8.43 -4.83
CA GLY A 214 -29.88 8.47 -3.44
C GLY A 214 -30.35 7.13 -2.91
N GLY A 215 -29.80 6.05 -3.43
CA GLY A 215 -30.14 4.71 -2.95
C GLY A 215 -31.31 4.05 -3.66
N ASP A 216 -31.87 4.70 -4.69
CA ASP A 216 -32.85 4.03 -5.52
C ASP A 216 -32.18 2.84 -6.18
N LYS A 217 -32.96 1.82 -6.51
CA LYS A 217 -32.46 0.66 -7.23
C LYS A 217 -32.92 0.76 -8.69
N PRO A 218 -31.96 0.74 -9.65
CA PRO A 218 -32.43 0.90 -11.03
C PRO A 218 -33.28 -0.28 -11.48
N LEU A 219 -34.34 0.03 -12.23
CA LEU A 219 -35.27 -0.94 -12.80
C LEU A 219 -35.99 -1.78 -11.75
N SER A 220 -36.02 -1.31 -10.50
CA SER A 220 -36.73 -2.04 -9.44
C SER A 220 -38.20 -2.29 -9.77
N ALA A 221 -38.81 -1.43 -10.59
CA ALA A 221 -40.24 -1.59 -10.91
C ALA A 221 -40.48 -2.70 -11.93
N LEU A 222 -39.41 -3.19 -12.53
CA LEU A 222 -39.51 -4.24 -13.54
C LEU A 222 -39.29 -5.62 -12.94
N ASP A 223 -40.16 -6.57 -13.29
CA ASP A 223 -39.97 -7.97 -12.88
C ASP A 223 -38.91 -8.60 -13.76
N SER A 224 -38.50 -9.83 -13.43
CA SER A 224 -37.40 -10.47 -14.13
C SER A 224 -37.60 -10.61 -15.63
N GLN A 225 -38.83 -10.84 -16.06
CA GLN A 225 -39.09 -10.96 -17.49
C GLN A 225 -38.94 -9.61 -18.19
N ARG A 226 -39.41 -8.54 -17.57
CA ARG A 226 -39.26 -7.22 -18.14
C ARG A 226 -37.81 -6.75 -18.10
N LYS A 227 -37.07 -7.17 -17.08
CA LYS A 227 -35.64 -6.87 -17.02
C LYS A 227 -34.90 -7.54 -18.18
N LEU A 228 -35.27 -8.77 -18.48
CA LEU A 228 -34.68 -9.49 -19.61
C LEU A 228 -34.94 -8.76 -20.92
N GLN A 229 -36.17 -8.29 -21.10
CA GLN A 229 -36.53 -7.61 -22.34
C GLN A 229 -35.87 -6.23 -22.42
N PHE A 230 -35.60 -5.62 -21.26
CA PHE A 230 -34.85 -4.36 -21.22
C PHE A 230 -33.49 -4.53 -21.91
N TYR A 231 -32.81 -5.63 -21.62
CA TYR A 231 -31.54 -5.92 -22.29
C TYR A 231 -31.76 -6.30 -23.76
N GLU A 232 -32.84 -7.02 -24.06
CA GLU A 232 -33.06 -7.47 -25.42
C GLU A 232 -33.29 -6.26 -26.33
N ASP A 233 -33.99 -5.27 -25.81
CA ASP A 233 -34.23 -4.04 -26.54
C ASP A 233 -33.06 -3.05 -26.44
N ARG A 234 -31.98 -3.49 -25.80
CA ARG A 234 -30.77 -2.67 -25.64
C ARG A 234 -31.03 -1.28 -25.05
N HIS A 235 -31.83 -1.20 -24.00
CA HIS A 235 -32.09 0.07 -23.34
C HIS A 235 -30.93 0.47 -22.42
N GLN A 236 -30.87 1.76 -22.09
CA GLN A 236 -29.91 2.30 -21.13
C GLN A 236 -30.71 2.82 -19.93
N LEU A 237 -30.08 2.92 -18.78
CA LEU A 237 -30.73 3.51 -17.62
C LEU A 237 -31.00 5.00 -17.84
N PRO A 238 -32.06 5.52 -17.23
CA PRO A 238 -32.31 6.95 -17.34
C PRO A 238 -31.25 7.72 -16.59
N ALA A 239 -30.95 8.94 -17.02
CA ALA A 239 -30.02 9.77 -16.27
C ALA A 239 -30.62 10.07 -14.92
N PRO A 240 -29.79 10.05 -13.86
CA PRO A 240 -30.33 10.51 -12.58
C PRO A 240 -30.62 12.01 -12.61
N LYS A 241 -31.47 12.51 -11.71
CA LYS A 241 -31.74 13.94 -11.60
C LYS A 241 -30.45 14.73 -11.48
N ALA A 242 -29.56 14.27 -10.60
CA ALA A 242 -28.20 14.78 -10.55
C ALA A 242 -27.39 14.10 -11.65
N ALA A 243 -27.34 14.72 -12.82
CA ALA A 243 -26.89 14.03 -14.02
C ALA A 243 -25.40 14.20 -14.33
N GLU A 244 -24.64 14.70 -13.36
CA GLU A 244 -23.23 15.01 -13.58
C GLU A 244 -22.41 13.80 -14.03
N LEU A 245 -22.83 12.59 -13.65
CA LEU A 245 -22.10 11.38 -14.03
C LEU A 245 -22.87 10.54 -15.05
N ALA A 246 -23.95 11.09 -15.61
CA ALA A 246 -24.80 10.36 -16.54
C ALA A 246 -24.02 9.79 -17.73
N ASN A 247 -23.18 10.61 -18.35
CA ASN A 247 -22.40 10.14 -19.49
C ASN A 247 -21.42 9.04 -19.11
N LEU A 248 -20.78 9.19 -17.95
CA LEU A 248 -19.87 8.17 -17.46
C LEU A 248 -20.60 6.84 -17.24
N ILE A 249 -21.79 6.94 -16.68
CA ILE A 249 -22.60 5.74 -16.42
C ILE A 249 -22.88 5.01 -17.73
N ASN A 250 -23.35 5.75 -18.71
CA ASN A 250 -23.71 5.14 -19.99
C ASN A 250 -22.50 4.62 -20.74
N ASN A 251 -21.37 5.29 -20.60
CA ASN A 251 -20.13 4.83 -21.22
C ASN A 251 -19.62 3.52 -20.65
N CYS A 252 -19.81 3.29 -19.36
CA CYS A 252 -19.42 2.04 -18.73
C CYS A 252 -20.40 0.91 -19.03
N MET A 253 -21.68 1.25 -19.11
CA MET A 253 -22.70 0.27 -19.39
C MET A 253 -22.86 0.14 -20.91
N ASP A 254 -21.76 -0.22 -21.55
CA ASP A 254 -21.72 -0.36 -22.99
C ASP A 254 -22.05 -1.81 -23.33
N TYR A 255 -23.04 -2.01 -24.19
CA TYR A 255 -23.44 -3.37 -24.54
C TYR A 255 -22.34 -4.14 -25.25
N GLU A 256 -21.31 -3.42 -25.73
CA GLU A 256 -20.12 -4.08 -26.28
C GLU A 256 -19.01 -4.11 -25.22
N PRO A 257 -18.74 -5.30 -24.66
CA PRO A 257 -17.78 -5.39 -23.54
C PRO A 257 -16.42 -4.80 -23.88
N ASP A 258 -15.97 -4.96 -25.12
CA ASP A 258 -14.63 -4.53 -25.48
C ASP A 258 -14.53 -3.02 -25.60
N HIS A 259 -15.66 -2.34 -25.58
CA HIS A 259 -15.66 -0.89 -25.71
C HIS A 259 -15.75 -0.18 -24.38
N ARG A 260 -15.93 -0.93 -23.31
CA ARG A 260 -16.01 -0.34 -22.00
C ARG A 260 -14.64 0.24 -21.61
N PRO A 261 -14.62 1.47 -21.08
CA PRO A 261 -13.35 2.13 -20.78
C PRO A 261 -12.57 1.48 -19.63
N SER A 262 -11.25 1.58 -19.69
CA SER A 262 -10.39 1.10 -18.63
C SER A 262 -10.63 1.91 -17.37
N PHE A 263 -10.33 1.35 -16.21
CA PHE A 263 -10.51 2.10 -14.98
C PHE A 263 -9.54 3.28 -14.88
N ARG A 264 -8.40 3.19 -15.57
CA ARG A 264 -7.54 4.37 -15.74
C ARG A 264 -8.33 5.51 -16.37
N ALA A 265 -8.93 5.22 -17.54
CA ALA A 265 -9.71 6.20 -18.27
C ALA A 265 -10.88 6.70 -17.42
N ILE A 266 -11.50 5.80 -16.68
CA ILE A 266 -12.62 6.17 -15.81
C ILE A 266 -12.15 7.17 -14.75
N ILE A 267 -11.03 6.87 -14.10
CA ILE A 267 -10.51 7.77 -13.07
C ILE A 267 -10.16 9.13 -13.66
N ARG A 268 -9.48 9.13 -14.81
CA ARG A 268 -9.17 10.40 -15.48
C ARG A 268 -10.47 11.19 -15.76
N ASP A 269 -11.53 10.50 -16.18
CA ASP A 269 -12.79 11.20 -16.46
C ASP A 269 -13.36 11.77 -15.16
N LEU A 270 -13.27 11.02 -14.07
CA LEU A 270 -13.81 11.49 -12.80
C LEU A 270 -13.09 12.74 -12.30
N ASN A 271 -11.77 12.75 -12.42
CA ASN A 271 -10.97 13.87 -11.94
C ASN A 271 -11.22 15.17 -12.73
N SER A 272 -11.88 15.04 -13.88
CA SER A 272 -12.07 16.18 -14.78
C SER A 272 -13.26 17.07 -14.38
N LEU A 273 -14.11 16.59 -13.48
CA LEU A 273 -15.28 17.36 -13.04
C LEU A 273 -14.96 18.27 -11.85
N PHE A 274 -15.18 19.58 -12.02
CA PHE A 274 -15.14 20.55 -10.91
C PHE A 274 -15.16 21.99 -11.38
N THR A 275 -14.85 22.89 -10.45
CA THR A 275 -14.55 24.30 -10.72
C THR A 275 -14.09 24.99 -9.44
N VAL B 1 26.40 12.91 23.29
CA VAL B 1 27.29 13.52 22.32
C VAL B 1 28.19 12.47 21.67
N PHE B 2 28.90 12.88 20.62
CA PHE B 2 29.79 11.98 19.91
C PHE B 2 31.15 11.90 20.55
N HIS B 3 31.69 10.68 20.64
CA HIS B 3 33.08 10.50 21.02
C HIS B 3 33.94 11.28 20.04
N LYS B 4 34.84 12.11 20.55
CA LYS B 4 35.75 12.86 19.69
C LYS B 4 36.97 11.98 19.34
N ILE B 5 37.34 11.99 18.07
CA ILE B 5 38.48 11.23 17.57
C ILE B 5 39.44 12.21 16.93
N ARG B 6 40.73 12.12 17.28
CA ARG B 6 41.70 13.11 16.78
C ARG B 6 42.31 12.68 15.45
N ASN B 7 42.61 13.69 14.64
CA ASN B 7 43.22 13.48 13.34
C ASN B 7 44.39 12.50 13.37
N GLU B 8 45.18 12.56 14.44
CA GLU B 8 46.40 11.77 14.55
C GLU B 8 46.14 10.27 14.52
N ASP B 9 44.94 9.88 14.94
CA ASP B 9 44.57 8.47 15.01
C ASP B 9 43.93 7.97 13.71
N LEU B 10 43.74 8.87 12.75
CA LEU B 10 43.09 8.51 11.49
C LEU B 10 43.99 8.60 10.28
N ILE B 11 44.04 7.52 9.50
CA ILE B 11 44.65 7.54 8.18
C ILE B 11 43.56 7.55 7.09
N PHE B 12 43.68 8.47 6.14
CA PHE B 12 42.76 8.52 5.01
C PHE B 12 43.30 7.75 3.84
N ASN B 13 42.50 6.80 3.36
CA ASN B 13 42.83 6.06 2.16
C ASN B 13 41.82 6.32 1.05
N GLU B 14 41.47 5.31 0.27
CA GLU B 14 40.86 5.56 -1.03
C GLU B 14 39.45 6.16 -0.92
N SER B 15 39.11 6.97 -1.91
CA SER B 15 37.75 7.50 -2.06
C SER B 15 36.80 6.38 -2.42
N LEU B 16 35.63 6.35 -1.78
CA LEU B 16 34.63 5.33 -2.06
C LEU B 16 33.38 5.93 -2.71
N GLY B 17 33.41 7.23 -2.95
CA GLY B 17 32.35 7.91 -3.67
C GLY B 17 31.91 9.17 -2.98
N GLN B 18 30.65 9.53 -3.25
CA GLN B 18 30.07 10.77 -2.79
C GLN B 18 28.64 10.55 -2.34
N GLY B 19 28.20 11.39 -1.41
CA GLY B 19 26.81 11.55 -1.09
C GLY B 19 26.47 12.99 -1.43
N THR B 20 25.36 13.49 -0.91
CA THR B 20 24.97 14.86 -1.16
C THR B 20 25.85 15.79 -0.34
N PHE B 21 26.69 16.55 -1.02
CA PHE B 21 27.62 17.50 -0.40
C PHE B 21 28.66 16.79 0.47
N THR B 22 28.87 15.50 0.21
CA THR B 22 29.81 14.71 1.00
C THR B 22 30.72 13.88 0.10
N LYS B 23 31.86 13.48 0.66
CA LYS B 23 32.76 12.53 0.05
C LYS B 23 33.07 11.46 1.11
N ILE B 24 33.11 10.20 0.70
CA ILE B 24 33.45 9.12 1.59
C ILE B 24 34.78 8.46 1.20
N PHE B 25 35.53 8.13 2.23
CA PHE B 25 36.83 7.51 2.12
C PHE B 25 36.93 6.30 3.02
N LYS B 26 37.57 5.25 2.54
CA LYS B 26 38.03 4.19 3.44
C LYS B 26 39.20 4.70 4.28
N GLY B 27 39.22 4.33 5.55
CA GLY B 27 40.29 4.76 6.43
C GLY B 27 40.62 3.74 7.49
N VAL B 28 41.62 4.10 8.31
CA VAL B 28 42.07 3.28 9.41
C VAL B 28 42.07 4.11 10.68
N ARG B 29 41.56 3.52 11.76
CA ARG B 29 41.56 4.17 13.06
C ARG B 29 42.46 3.42 14.04
N ARG B 30 43.41 4.15 14.59
CA ARG B 30 44.33 3.65 15.59
C ARG B 30 43.67 3.84 16.95
N GLU B 31 43.46 2.74 17.67
CA GLU B 31 42.78 2.86 18.96
C GLU B 31 43.20 1.79 19.95
N VAL B 32 42.92 2.08 21.21
CA VAL B 32 43.03 1.08 22.27
C VAL B 32 41.65 0.43 22.42
N GLY B 33 41.58 -0.88 22.27
CA GLY B 33 40.33 -1.63 22.38
C GLY B 33 40.15 -2.34 23.71
N ASP B 34 39.26 -3.35 23.72
CA ASP B 34 39.02 -4.14 24.93
C ASP B 34 40.33 -4.73 25.43
N TYR B 35 40.47 -4.80 26.75
CA TYR B 35 41.67 -5.36 27.38
C TYR B 35 42.93 -4.58 27.12
N GLY B 36 42.78 -3.34 26.66
CA GLY B 36 43.93 -2.48 26.40
C GLY B 36 44.74 -2.90 25.19
N GLN B 37 44.14 -3.71 24.34
CA GLN B 37 44.82 -4.16 23.13
C GLN B 37 44.80 -3.07 22.06
N LEU B 38 45.94 -2.84 21.40
CA LEU B 38 46.02 -1.86 20.30
C LEU B 38 45.43 -2.41 19.02
N HIS B 39 44.56 -1.62 18.39
CA HIS B 39 43.91 -1.98 17.14
C HIS B 39 44.10 -0.93 16.07
N GLU B 40 44.21 -1.39 14.83
CA GLU B 40 44.10 -0.54 13.66
C GLU B 40 42.82 -0.98 12.93
N THR B 41 41.76 -0.22 13.17
CA THR B 41 40.41 -0.60 12.76
C THR B 41 40.01 0.06 11.45
N GLU B 42 39.46 -0.74 10.53
CA GLU B 42 38.92 -0.18 9.28
C GLU B 42 37.71 0.71 9.59
N VAL B 43 37.66 1.88 8.94
CA VAL B 43 36.57 2.82 9.16
C VAL B 43 36.13 3.52 7.87
N LEU B 44 34.92 4.05 7.92
CA LEU B 44 34.37 4.84 6.83
C LEU B 44 34.44 6.28 7.28
N LEU B 45 35.18 7.09 6.53
CA LEU B 45 35.34 8.51 6.82
C LEU B 45 34.46 9.33 5.89
N LYS B 46 33.47 9.98 6.46
CA LYS B 46 32.50 10.76 5.71
C LYS B 46 32.76 12.24 5.94
N VAL B 47 33.09 12.95 4.86
CA VAL B 47 33.56 14.33 4.98
C VAL B 47 32.61 15.31 4.31
N LEU B 48 32.07 16.24 5.09
CA LEU B 48 31.29 17.34 4.55
C LEU B 48 32.17 18.18 3.63
N ASP B 49 31.71 18.44 2.41
CA ASP B 49 32.47 19.26 1.46
C ASP B 49 32.85 20.59 2.09
N LYS B 50 34.01 21.10 1.70
CA LYS B 50 34.54 22.33 2.28
C LYS B 50 33.70 23.53 1.88
N ALA B 51 32.95 23.42 0.78
CA ALA B 51 32.11 24.52 0.31
C ALA B 51 30.81 24.62 1.09
N HIS B 52 30.31 23.47 1.53
CA HIS B 52 28.98 23.39 2.14
C HIS B 52 29.06 23.31 3.65
N ARG B 53 30.05 24.00 4.20
CA ARG B 53 30.30 24.07 5.65
C ARG B 53 29.06 24.45 6.46
N ASN B 54 28.14 25.19 5.86
CA ASN B 54 27.02 25.74 6.63
C ASN B 54 25.95 24.68 6.96
N TYR B 55 26.01 23.55 6.27
CA TYR B 55 25.08 22.45 6.55
C TYR B 55 25.59 21.57 7.68
N SER B 56 26.70 21.96 8.30
CA SER B 56 27.38 21.10 9.27
C SER B 56 26.46 20.63 10.40
N GLU B 57 25.55 21.51 10.81
CA GLU B 57 24.67 21.17 11.92
C GLU B 57 23.69 20.06 11.54
N SER B 58 23.08 20.18 10.37
CA SER B 58 22.19 19.12 9.88
C SER B 58 23.00 17.87 9.53
N PHE B 59 24.24 18.08 9.08
CA PHE B 59 25.15 16.97 8.78
C PHE B 59 25.32 16.08 10.02
N PHE B 60 25.51 16.72 11.19
CA PHE B 60 25.75 15.99 12.43
C PHE B 60 24.48 15.66 13.21
N GLU B 61 23.46 16.49 13.05
CA GLU B 61 22.15 16.15 13.60
C GLU B 61 21.74 14.77 13.11
N ALA B 62 21.99 14.52 11.83
CA ALA B 62 21.58 13.28 11.18
C ALA B 62 22.22 12.07 11.84
N ALA B 63 23.54 12.09 11.95
CA ALA B 63 24.26 10.97 12.52
C ALA B 63 23.98 10.82 14.02
N SER B 64 23.73 11.94 14.69
CA SER B 64 23.57 11.92 16.15
C SER B 64 22.33 11.16 16.61
N MET B 65 21.16 11.66 16.26
CA MET B 65 19.91 11.04 16.74
C MET B 65 19.88 9.56 16.39
N MET B 66 20.43 9.24 15.23
CA MET B 66 20.61 7.85 14.80
C MET B 66 21.44 7.05 15.80
N SER B 67 22.56 7.60 16.26
CA SER B 67 23.49 6.88 17.12
C SER B 67 23.07 6.87 18.59
N LYS B 68 22.03 7.62 18.93
CA LYS B 68 21.46 7.55 20.27
C LYS B 68 20.61 6.29 20.40
N LEU B 69 20.39 5.63 19.28
CA LEU B 69 19.76 4.31 19.25
C LEU B 69 20.81 3.29 18.82
N SER B 70 20.63 2.07 19.29
CA SER B 70 21.49 0.95 18.91
C SER B 70 20.60 -0.15 18.35
N HIS B 71 20.91 -0.67 17.17
CA HIS B 71 20.11 -1.71 16.54
C HIS B 71 20.95 -2.47 15.54
N LYS B 72 20.69 -3.75 15.38
CA LYS B 72 21.53 -4.62 14.55
C LYS B 72 21.49 -4.24 13.07
N HIS B 73 20.46 -3.48 12.68
CA HIS B 73 20.31 -3.03 11.29
C HIS B 73 20.60 -1.56 11.07
N LEU B 74 21.21 -0.90 12.05
CA LEU B 74 21.56 0.50 11.92
C LEU B 74 23.08 0.65 11.95
N VAL B 75 23.63 1.42 11.00
CA VAL B 75 25.08 1.62 10.93
C VAL B 75 25.62 2.23 12.21
N LEU B 76 26.74 1.70 12.67
CA LEU B 76 27.37 2.18 13.88
C LEU B 76 28.20 3.43 13.57
N ASN B 77 28.01 4.48 14.36
CA ASN B 77 28.93 5.63 14.34
C ASN B 77 29.97 5.50 15.45
N TYR B 78 31.24 5.60 15.11
CA TYR B 78 32.31 5.51 16.11
C TYR B 78 32.52 6.84 16.81
N GLY B 79 32.37 7.91 16.06
CA GLY B 79 32.54 9.23 16.62
C GLY B 79 32.70 10.27 15.54
N VAL B 80 33.25 11.41 15.95
CA VAL B 80 33.45 12.53 15.06
C VAL B 80 34.88 13.02 15.15
N CYS B 81 35.29 13.76 14.13
CA CYS B 81 36.57 14.46 14.17
C CYS B 81 36.35 15.91 13.71
N PHE B 82 36.08 16.79 14.66
CA PHE B 82 35.97 18.23 14.39
C PHE B 82 37.35 18.81 14.09
N CYS B 83 38.37 17.94 14.17
CA CYS B 83 39.77 18.31 13.97
C CYS B 83 40.00 19.35 12.88
N GLY B 84 40.07 20.61 13.30
CA GLY B 84 40.49 21.67 12.42
C GLY B 84 39.60 21.95 11.23
N ASP B 85 40.20 21.81 10.04
CA ASP B 85 39.64 22.30 8.78
C ASP B 85 38.44 21.50 8.25
N GLU B 86 38.16 20.34 8.85
CA GLU B 86 37.18 19.42 8.29
C GLU B 86 36.13 18.93 9.29
N ASN B 87 34.93 18.68 8.78
CA ASN B 87 33.88 18.02 9.54
C ASN B 87 33.78 16.58 9.08
N ILE B 88 34.13 15.66 9.98
CA ILE B 88 34.23 14.25 9.61
C ILE B 88 33.46 13.34 10.54
N LEU B 89 32.62 12.50 9.94
CA LEU B 89 31.93 11.43 10.64
C LEU B 89 32.71 10.14 10.47
N VAL B 90 33.03 9.49 11.59
CA VAL B 90 33.77 8.23 11.56
C VAL B 90 32.82 7.07 11.86
N GLN B 91 32.60 6.25 10.84
CA GLN B 91 31.62 5.19 10.90
C GLN B 91 32.23 3.83 10.67
N GLU B 92 31.49 2.79 11.04
CA GLU B 92 31.94 1.43 10.78
C GLU B 92 32.07 1.27 9.28
N PHE B 93 33.04 0.46 8.88
CA PHE B 93 33.25 0.18 7.48
C PHE B 93 32.48 -1.10 7.12
N VAL B 94 31.75 -1.04 6.02
CA VAL B 94 30.94 -2.17 5.56
C VAL B 94 31.58 -2.67 4.28
N LYS B 95 31.95 -3.94 4.30
CA LYS B 95 32.79 -4.51 3.26
C LYS B 95 32.21 -4.38 1.84
N PHE B 96 30.93 -4.71 1.66
CA PHE B 96 30.38 -4.84 0.32
C PHE B 96 29.66 -3.59 -0.19
N GLY B 97 29.67 -2.52 0.59
CA GLY B 97 29.18 -1.23 0.13
C GLY B 97 27.67 -1.12 -0.05
N SER B 98 27.26 -0.19 -0.91
CA SER B 98 25.85 0.16 -1.12
C SER B 98 25.04 -0.91 -1.86
N LEU B 99 23.78 -1.05 -1.46
CA LEU B 99 22.93 -2.08 -2.02
C LEU B 99 22.62 -1.84 -3.51
N ASP B 100 22.54 -0.59 -3.92
CA ASP B 100 22.16 -0.28 -5.29
C ASP B 100 23.26 -0.69 -6.26
N THR B 101 24.52 -0.54 -5.85
CA THR B 101 25.65 -0.99 -6.65
C THR B 101 25.71 -2.51 -6.66
N TYR B 102 25.44 -3.12 -5.50
CA TYR B 102 25.49 -4.56 -5.37
C TYR B 102 24.44 -5.23 -6.23
N LEU B 103 23.22 -4.70 -6.21
CA LEU B 103 22.12 -5.21 -7.03
C LEU B 103 22.45 -5.20 -8.52
N LYS B 104 23.03 -4.11 -8.99
CA LYS B 104 23.36 -3.98 -10.41
C LYS B 104 24.52 -4.88 -10.82
N LYS B 105 25.46 -5.13 -9.91
CA LYS B 105 26.59 -5.99 -10.23
C LYS B 105 26.19 -7.47 -10.20
N ASN B 106 25.30 -7.82 -9.28
CA ASN B 106 24.91 -9.21 -9.10
C ASN B 106 23.46 -9.45 -9.49
N LYS B 107 22.96 -8.56 -10.34
CA LYS B 107 21.58 -8.57 -10.83
C LYS B 107 21.08 -9.97 -11.15
N ASN B 108 21.94 -10.75 -11.81
CA ASN B 108 21.55 -12.05 -12.31
C ASN B 108 21.32 -13.07 -11.22
N CYS B 109 22.33 -13.30 -10.38
CA CYS B 109 22.27 -14.36 -9.40
C CYS B 109 21.41 -14.03 -8.17
N ILE B 110 20.76 -12.87 -8.20
CA ILE B 110 19.86 -12.48 -7.11
C ILE B 110 18.42 -12.91 -7.43
N ASN B 111 17.87 -13.78 -6.59
CA ASN B 111 16.50 -14.26 -6.76
C ASN B 111 15.52 -13.63 -5.77
N ILE B 112 14.24 -13.98 -5.92
CA ILE B 112 13.16 -13.40 -5.12
C ILE B 112 13.35 -13.59 -3.62
N LEU B 113 13.91 -14.73 -3.20
CA LEU B 113 14.05 -15.00 -1.77
C LEU B 113 15.08 -14.07 -1.16
N TRP B 114 16.14 -13.79 -1.91
CA TRP B 114 17.17 -12.83 -1.52
C TRP B 114 16.55 -11.45 -1.30
N LYS B 115 15.79 -11.01 -2.29
CA LYS B 115 15.10 -9.73 -2.24
C LYS B 115 14.13 -9.64 -1.08
N LEU B 116 13.38 -10.71 -0.83
CA LEU B 116 12.46 -10.75 0.29
C LEU B 116 13.20 -10.61 1.61
N GLU B 117 14.32 -11.31 1.75
CA GLU B 117 15.06 -11.28 3.02
C GLU B 117 15.58 -9.89 3.30
N VAL B 118 16.11 -9.22 2.27
CA VAL B 118 16.60 -7.85 2.43
C VAL B 118 15.46 -6.87 2.70
N ALA B 119 14.32 -7.05 2.01
CA ALA B 119 13.16 -6.18 2.23
C ALA B 119 12.65 -6.35 3.67
N LYS B 120 12.59 -7.59 4.16
CA LYS B 120 12.17 -7.84 5.55
C LYS B 120 13.11 -7.21 6.58
N GLN B 121 14.43 -7.26 6.33
CA GLN B 121 15.38 -6.63 7.23
C GLN B 121 15.24 -5.12 7.25
N LEU B 122 15.02 -4.53 6.07
CA LEU B 122 14.83 -3.10 6.00
C LEU B 122 13.55 -2.70 6.71
N ALA B 123 12.47 -3.46 6.49
CA ALA B 123 11.22 -3.20 7.18
C ALA B 123 11.42 -3.26 8.70
N TRP B 124 12.25 -4.19 9.17
CA TRP B 124 12.46 -4.33 10.62
C TRP B 124 13.18 -3.10 11.17
N ALA B 125 14.16 -2.60 10.42
CA ALA B 125 14.86 -1.39 10.80
C ALA B 125 13.91 -0.20 10.89
N MET B 126 13.01 -0.10 9.91
CA MET B 126 12.08 1.02 9.84
C MET B 126 11.02 0.89 10.93
N HIS B 127 10.60 -0.35 11.21
CA HIS B 127 9.68 -0.60 12.33
C HIS B 127 10.27 -0.09 13.62
N PHE B 128 11.54 -0.41 13.84
CA PHE B 128 12.26 0.04 15.02
C PHE B 128 12.26 1.56 15.10
N LEU B 129 12.49 2.23 13.97
CA LEU B 129 12.51 3.68 13.99
C LEU B 129 11.11 4.23 14.25
N GLU B 130 10.10 3.57 13.68
CA GLU B 130 8.73 4.02 13.83
C GLU B 130 8.29 3.91 15.29
N GLU B 131 8.66 2.80 15.93
CA GLU B 131 8.38 2.60 17.37
C GLU B 131 9.03 3.67 18.26
N ASN B 132 10.19 4.15 17.85
CA ASN B 132 10.89 5.23 18.54
C ASN B 132 10.50 6.60 18.03
N THR B 133 9.53 6.65 17.12
CA THR B 133 9.08 7.88 16.51
C THR B 133 10.26 8.72 16.00
N LEU B 134 11.21 8.05 15.35
CA LEU B 134 12.33 8.72 14.73
C LEU B 134 12.18 8.69 13.19
N ILE B 135 12.32 9.86 12.57
CA ILE B 135 12.23 10.01 11.12
C ILE B 135 13.61 9.87 10.51
N HIS B 136 13.77 8.97 9.54
CA HIS B 136 15.03 8.83 8.83
C HIS B 136 15.14 9.95 7.78
N GLY B 137 14.27 9.91 6.79
CA GLY B 137 14.12 11.01 5.86
C GLY B 137 14.91 10.86 4.58
N ASN B 138 15.66 9.77 4.47
CA ASN B 138 16.41 9.50 3.24
C ASN B 138 16.62 8.01 3.03
N VAL B 139 15.53 7.27 2.98
CA VAL B 139 15.59 5.85 2.69
C VAL B 139 15.70 5.62 1.19
N CYS B 140 16.77 4.94 0.80
CA CYS B 140 17.07 4.63 -0.60
C CYS B 140 18.13 3.51 -0.62
N ALA B 141 18.23 2.82 -1.75
CA ALA B 141 19.12 1.66 -1.84
C ALA B 141 20.59 2.06 -1.67
N LYS B 142 20.92 3.28 -2.07
CA LYS B 142 22.27 3.80 -1.88
C LYS B 142 22.67 3.87 -0.40
N ASN B 143 21.67 4.10 0.45
CA ASN B 143 21.89 4.23 1.88
C ASN B 143 21.68 2.94 2.65
N ILE B 144 21.58 1.84 1.92
CA ILE B 144 21.57 0.51 2.53
C ILE B 144 22.90 -0.17 2.22
N LEU B 145 23.51 -0.76 3.24
CA LEU B 145 24.83 -1.34 3.13
C LEU B 145 24.77 -2.83 3.39
N LEU B 146 25.50 -3.59 2.56
CA LEU B 146 25.54 -5.05 2.67
C LEU B 146 26.74 -5.48 3.50
N ILE B 147 26.44 -5.94 4.71
CA ILE B 147 27.39 -6.41 5.71
C ILE B 147 27.96 -7.77 5.34
N ARG B 148 27.06 -8.63 4.85
CA ARG B 148 27.35 -10.03 4.62
C ARG B 148 26.60 -10.49 3.38
N GLU B 149 27.27 -11.23 2.51
CA GLU B 149 26.61 -11.83 1.35
C GLU B 149 25.87 -13.10 1.77
N GLU B 150 24.99 -13.58 0.91
CA GLU B 150 24.30 -14.85 1.14
C GLU B 150 25.29 -16.00 1.07
N ASP B 151 25.00 -17.05 1.83
CA ASP B 151 25.76 -18.30 1.75
C ASP B 151 24.77 -19.44 1.61
N ARG B 152 24.71 -20.02 0.41
CA ARG B 152 23.75 -21.10 0.11
C ARG B 152 23.86 -22.21 1.14
N LYS B 153 25.09 -22.70 1.32
CA LYS B 153 25.38 -23.64 2.40
C LYS B 153 25.63 -22.84 3.67
N THR B 154 25.49 -23.50 4.82
CA THR B 154 25.46 -22.84 6.13
C THR B 154 24.14 -22.08 6.34
N GLY B 155 23.42 -21.81 5.25
CA GLY B 155 22.09 -21.22 5.34
C GLY B 155 22.06 -19.74 5.64
N ASN B 156 23.23 -19.13 5.82
CA ASN B 156 23.30 -17.71 6.12
C ASN B 156 22.65 -16.84 5.04
N PRO B 157 21.66 -16.02 5.44
CA PRO B 157 21.09 -15.08 4.46
C PRO B 157 21.97 -13.83 4.34
N PRO B 158 21.72 -13.01 3.30
CA PRO B 158 22.44 -11.73 3.28
C PRO B 158 22.05 -10.90 4.51
N PHE B 159 22.85 -9.89 4.86
CA PHE B 159 22.54 -9.07 6.03
C PHE B 159 22.85 -7.62 5.70
N ILE B 160 21.90 -6.73 5.98
CA ILE B 160 22.06 -5.32 5.63
C ILE B 160 22.00 -4.39 6.84
N LYS B 161 22.47 -3.16 6.65
CA LYS B 161 22.34 -2.10 7.63
C LYS B 161 21.91 -0.82 6.95
N LEU B 162 21.09 -0.04 7.64
CA LEU B 162 20.69 1.27 7.13
C LEU B 162 21.66 2.35 7.60
N SER B 163 22.14 3.16 6.65
CA SER B 163 23.10 4.22 6.96
C SER B 163 22.38 5.48 7.41
N ASP B 164 23.14 6.49 7.81
CA ASP B 164 22.52 7.73 8.31
C ASP B 164 21.95 8.53 7.13
N PRO B 165 20.95 9.40 7.41
CA PRO B 165 20.19 10.10 6.37
C PRO B 165 20.98 11.16 5.61
N GLY B 166 22.02 11.68 6.24
CA GLY B 166 22.73 12.83 5.69
C GLY B 166 21.95 14.12 5.95
N ILE B 167 22.37 15.19 5.27
CA ILE B 167 21.74 16.49 5.44
C ILE B 167 20.24 16.41 5.12
N SER B 168 19.44 16.89 6.06
CA SER B 168 17.97 16.86 5.97
C SER B 168 17.40 17.57 4.74
N ILE B 169 16.29 17.07 4.23
CA ILE B 169 15.62 17.71 3.09
C ILE B 169 14.98 19.04 3.49
N THR B 170 14.85 19.27 4.81
CA THR B 170 14.30 20.53 5.30
C THR B 170 15.23 21.73 5.06
N VAL B 171 16.50 21.46 4.75
CA VAL B 171 17.47 22.55 4.59
C VAL B 171 18.19 22.48 3.25
N LEU B 172 17.91 21.44 2.47
CA LEU B 172 18.57 21.28 1.18
C LEU B 172 17.96 22.21 0.15
N PRO B 173 18.74 22.59 -0.89
CA PRO B 173 18.23 23.39 -2.01
C PRO B 173 17.07 22.70 -2.70
N LYS B 174 16.10 23.47 -3.20
CA LYS B 174 14.93 22.90 -3.84
C LYS B 174 15.32 22.01 -5.02
N ASP B 175 16.42 22.36 -5.68
CA ASP B 175 16.90 21.61 -6.85
C ASP B 175 17.30 20.17 -6.51
N ILE B 176 17.93 19.99 -5.36
CA ILE B 176 18.32 18.65 -4.92
C ILE B 176 17.08 17.81 -4.59
N LEU B 177 16.10 18.41 -3.93
CA LEU B 177 14.88 17.70 -3.57
C LEU B 177 14.14 17.21 -4.80
N GLN B 178 14.12 18.03 -5.85
CA GLN B 178 13.41 17.66 -7.06
C GLN B 178 14.07 16.50 -7.76
N GLU B 179 15.40 16.50 -7.74
CA GLU B 179 16.17 15.42 -8.35
C GLU B 179 16.02 14.12 -7.57
N ARG B 180 15.64 14.24 -6.30
CA ARG B 180 15.42 13.09 -5.44
C ARG B 180 13.99 12.54 -5.54
N ILE B 181 13.18 13.10 -6.43
CA ILE B 181 11.93 12.45 -6.82
C ILE B 181 12.34 11.18 -7.58
N PRO B 182 11.69 10.03 -7.31
CA PRO B 182 10.53 9.76 -6.43
C PRO B 182 10.81 9.21 -5.03
N TRP B 183 12.00 9.44 -4.44
CA TRP B 183 12.24 9.00 -3.05
C TRP B 183 11.59 9.97 -2.10
N VAL B 184 11.74 11.26 -2.39
CA VAL B 184 11.11 12.27 -1.56
C VAL B 184 9.62 12.28 -1.88
N PRO B 185 8.77 12.15 -0.85
CA PRO B 185 7.34 12.06 -1.15
C PRO B 185 6.73 13.37 -1.63
N PRO B 186 5.59 13.31 -2.33
CA PRO B 186 4.95 14.51 -2.89
C PRO B 186 4.71 15.60 -1.86
N GLU B 187 4.29 15.24 -0.65
CA GLU B 187 3.94 16.26 0.34
C GLU B 187 5.19 17.05 0.77
N CYS B 188 6.37 16.46 0.63
CA CYS B 188 7.61 17.14 1.00
C CYS B 188 8.12 18.05 -0.10
N ILE B 189 7.77 17.73 -1.34
CA ILE B 189 8.07 18.60 -2.47
C ILE B 189 7.28 19.90 -2.36
N GLU B 190 6.03 19.84 -1.92
CA GLU B 190 5.27 21.07 -1.77
C GLU B 190 5.68 21.80 -0.49
N ASN B 191 6.11 21.05 0.51
CA ASN B 191 6.64 21.65 1.73
C ASN B 191 7.57 20.69 2.47
N PRO B 192 8.90 20.93 2.39
CA PRO B 192 9.88 20.07 3.08
C PRO B 192 9.63 19.91 4.57
N LYS B 193 8.92 20.86 5.18
CA LYS B 193 8.59 20.79 6.60
C LYS B 193 7.54 19.72 6.89
N ASN B 194 6.90 19.20 5.84
CA ASN B 194 5.94 18.10 6.00
C ASN B 194 6.63 16.78 6.33
N LEU B 195 7.94 16.83 6.53
CA LEU B 195 8.74 15.69 6.96
C LEU B 195 8.10 15.05 8.19
N ASN B 196 7.83 13.75 8.09
CA ASN B 196 7.03 13.02 9.08
C ASN B 196 7.30 11.52 8.96
N LEU B 197 6.81 10.72 9.91
CA LEU B 197 7.01 9.27 9.83
C LEU B 197 6.49 8.74 8.50
N ALA B 198 5.34 9.26 8.05
CA ALA B 198 4.72 8.83 6.80
C ALA B 198 5.69 8.96 5.62
N THR B 199 6.64 9.89 5.73
CA THR B 199 7.64 10.12 4.68
C THR B 199 8.42 8.85 4.36
N ASP B 200 8.79 8.11 5.39
CA ASP B 200 9.67 6.97 5.23
C ASP B 200 8.94 5.77 4.63
N LYS B 201 7.62 5.74 4.81
CA LYS B 201 6.83 4.67 4.22
C LYS B 201 6.84 4.83 2.70
N TRP B 202 6.76 6.06 2.24
CA TRP B 202 6.77 6.31 0.80
C TRP B 202 8.13 5.90 0.21
N SER B 203 9.19 6.38 0.84
CA SER B 203 10.57 6.13 0.40
C SER B 203 10.91 4.65 0.47
N PHE B 204 10.35 3.98 1.46
CA PHE B 204 10.48 2.54 1.57
C PHE B 204 9.95 1.86 0.32
N GLY B 205 8.79 2.30 -0.16
CA GLY B 205 8.22 1.75 -1.36
C GLY B 205 9.12 1.95 -2.57
N THR B 206 9.69 3.14 -2.67
CA THR B 206 10.62 3.45 -3.74
C THR B 206 11.87 2.56 -3.67
N THR B 207 12.33 2.30 -2.45
CA THR B 207 13.49 1.46 -2.25
C THR B 207 13.20 0.00 -2.59
N LEU B 208 11.99 -0.47 -2.28
CA LEU B 208 11.58 -1.80 -2.71
C LEU B 208 11.60 -1.91 -4.23
N TRP B 209 11.20 -0.84 -4.89
CA TRP B 209 11.19 -0.83 -6.35
C TRP B 209 12.64 -0.98 -6.87
N GLU B 210 13.56 -0.24 -6.27
CA GLU B 210 15.00 -0.41 -6.57
C GLU B 210 15.45 -1.85 -6.43
N ILE B 211 15.10 -2.44 -5.29
CA ILE B 211 15.49 -3.80 -4.96
C ILE B 211 14.96 -4.76 -6.01
N CYS B 212 13.73 -4.51 -6.47
CA CYS B 212 13.10 -5.37 -7.46
C CYS B 212 13.55 -5.07 -8.88
N SER B 213 14.28 -3.97 -9.07
CA SER B 213 14.65 -3.53 -10.41
C SER B 213 16.13 -3.64 -10.69
N GLY B 214 16.82 -4.46 -9.89
CA GLY B 214 18.22 -4.75 -10.13
C GLY B 214 19.11 -3.51 -10.11
N GLY B 215 18.71 -2.51 -9.34
CA GLY B 215 19.51 -1.31 -9.19
C GLY B 215 19.21 -0.17 -10.14
N ASP B 216 18.23 -0.37 -11.02
CA ASP B 216 17.74 0.74 -11.84
C ASP B 216 17.29 1.86 -10.93
N LYS B 217 17.36 3.09 -11.42
CA LYS B 217 16.88 4.25 -10.68
C LYS B 217 15.53 4.66 -11.26
N PRO B 218 14.46 4.64 -10.45
CA PRO B 218 13.14 5.01 -11.03
C PRO B 218 13.10 6.45 -11.51
N LEU B 219 12.50 6.66 -12.68
CA LEU B 219 12.31 7.98 -13.30
C LEU B 219 13.59 8.71 -13.66
N SER B 220 14.71 7.98 -13.76
CA SER B 220 15.99 8.61 -14.10
C SER B 220 15.95 9.38 -15.43
N ALA B 221 15.10 8.93 -16.35
CA ALA B 221 15.03 9.56 -17.67
C ALA B 221 14.32 10.88 -17.63
N LEU B 222 13.65 11.17 -16.52
CA LEU B 222 12.92 12.43 -16.38
C LEU B 222 13.77 13.51 -15.73
N ASP B 223 13.76 14.71 -16.31
CA ASP B 223 14.49 15.83 -15.72
C ASP B 223 13.63 16.38 -14.61
N SER B 224 14.17 17.29 -13.82
CA SER B 224 13.48 17.74 -12.61
C SER B 224 12.09 18.32 -12.85
N GLN B 225 11.88 18.99 -13.99
CA GLN B 225 10.57 19.57 -14.25
C GLN B 225 9.57 18.47 -14.58
N ARG B 226 10.02 17.44 -15.28
CA ARG B 226 9.16 16.32 -15.60
C ARG B 226 8.89 15.46 -14.37
N LYS B 227 9.86 15.38 -13.46
CA LYS B 227 9.63 14.68 -12.20
C LYS B 227 8.54 15.40 -11.40
N LEU B 228 8.59 16.73 -11.41
CA LEU B 228 7.56 17.54 -10.75
C LEU B 228 6.17 17.26 -11.30
N GLN B 229 6.08 17.20 -12.62
CA GLN B 229 4.80 17.00 -13.28
C GLN B 229 4.29 15.57 -13.08
N PHE B 230 5.23 14.65 -12.85
CA PHE B 230 4.89 13.25 -12.55
C PHE B 230 4.03 13.21 -11.28
N TYR B 231 4.45 13.96 -10.26
CA TYR B 231 3.68 14.04 -9.01
C TYR B 231 2.38 14.83 -9.20
N GLU B 232 2.41 15.89 -10.00
CA GLU B 232 1.21 16.70 -10.14
C GLU B 232 0.12 15.90 -10.84
N ASP B 233 0.53 15.01 -11.74
CA ASP B 233 -0.42 14.14 -12.42
C ASP B 233 -0.74 12.89 -11.61
N ARG B 234 -0.17 12.80 -10.41
CA ARG B 234 -0.42 11.68 -9.51
C ARG B 234 -0.11 10.32 -10.13
N HIS B 235 1.02 10.22 -10.84
CA HIS B 235 1.42 8.94 -11.43
C HIS B 235 2.04 8.02 -10.38
N GLN B 236 2.00 6.71 -10.66
CA GLN B 236 2.68 5.70 -9.85
C GLN B 236 3.83 5.12 -10.67
N LEU B 237 4.79 4.48 -10.03
CA LEU B 237 5.86 3.82 -10.76
C LEU B 237 5.35 2.57 -11.49
N PRO B 238 5.96 2.23 -12.62
CA PRO B 238 5.57 0.98 -13.27
C PRO B 238 6.00 -0.22 -12.44
N ALA B 239 5.28 -1.33 -12.54
CA ALA B 239 5.68 -2.52 -11.79
C ALA B 239 7.00 -3.00 -12.36
N PRO B 240 7.89 -3.52 -11.50
CA PRO B 240 9.07 -4.16 -12.11
C PRO B 240 8.68 -5.49 -12.73
N LYS B 241 9.49 -6.00 -13.67
CA LYS B 241 9.25 -7.31 -14.27
C LYS B 241 9.08 -8.35 -13.19
N ALA B 242 9.98 -8.32 -12.22
CA ALA B 242 9.79 -9.04 -10.97
C ALA B 242 8.73 -8.29 -10.18
N ALA B 243 7.47 -8.64 -10.42
CA ALA B 243 6.35 -7.85 -9.91
C ALA B 243 5.75 -8.40 -8.62
N GLU B 244 6.47 -9.30 -7.96
CA GLU B 244 5.98 -9.94 -6.74
C GLU B 244 5.66 -8.94 -5.64
N LEU B 245 6.38 -7.81 -5.62
CA LEU B 245 6.18 -6.80 -4.58
C LEU B 245 5.50 -5.55 -5.12
N ALA B 246 5.00 -5.61 -6.35
CA ALA B 246 4.43 -4.45 -7.01
C ALA B 246 3.29 -3.83 -6.20
N ASN B 247 2.38 -4.67 -5.71
CA ASN B 247 1.25 -4.15 -4.95
C ASN B 247 1.72 -3.45 -3.68
N LEU B 248 2.67 -4.07 -3.00
CA LEU B 248 3.21 -3.47 -1.79
C LEU B 248 3.89 -2.13 -2.07
N ILE B 249 4.62 -2.06 -3.17
CA ILE B 249 5.27 -0.80 -3.54
C ILE B 249 4.22 0.29 -3.71
N ASN B 250 3.14 -0.04 -4.40
CA ASN B 250 2.11 0.95 -4.66
C ASN B 250 1.33 1.33 -3.42
N ASN B 251 1.13 0.36 -2.50
CA ASN B 251 0.42 0.66 -1.28
C ASN B 251 1.21 1.60 -0.41
N CYS B 252 2.54 1.49 -0.46
CA CYS B 252 3.42 2.36 0.31
C CYS B 252 3.54 3.74 -0.30
N MET B 253 3.60 3.79 -1.62
CA MET B 253 3.69 5.04 -2.33
C MET B 253 2.29 5.62 -2.55
N ASP B 254 1.60 5.85 -1.44
CA ASP B 254 0.24 6.38 -1.45
C ASP B 254 0.33 7.90 -1.37
N TYR B 255 -0.32 8.59 -2.31
CA TYR B 255 -0.26 10.05 -2.34
C TYR B 255 -0.92 10.68 -1.12
N GLU B 256 -1.74 9.91 -0.39
CA GLU B 256 -2.27 10.35 0.90
C GLU B 256 -1.41 9.80 2.05
N PRO B 257 -0.65 10.67 2.73
CA PRO B 257 0.28 10.18 3.75
C PRO B 257 -0.38 9.36 4.85
N ASP B 258 -1.58 9.75 5.25
CA ASP B 258 -2.23 9.10 6.39
C ASP B 258 -2.72 7.70 6.03
N HIS B 259 -2.66 7.35 4.75
CA HIS B 259 -3.13 6.06 4.29
C HIS B 259 -2.01 5.05 4.09
N ARG B 260 -0.76 5.48 4.23
CA ARG B 260 0.36 4.57 4.06
C ARG B 260 0.36 3.61 5.23
N PRO B 261 0.65 2.32 4.95
CA PRO B 261 0.54 1.30 6.01
C PRO B 261 1.68 1.38 7.02
N SER B 262 1.41 0.93 8.25
CA SER B 262 2.42 0.86 9.27
C SER B 262 3.47 -0.14 8.87
N PHE B 263 4.67 -0.03 9.42
CA PHE B 263 5.71 -1.00 9.11
C PHE B 263 5.37 -2.36 9.68
N ARG B 264 4.54 -2.41 10.71
CA ARG B 264 4.06 -3.71 11.19
C ARG B 264 3.24 -4.39 10.09
N ALA B 265 2.31 -3.65 9.52
CA ALA B 265 1.48 -4.16 8.42
C ALA B 265 2.32 -4.56 7.23
N ILE B 266 3.34 -3.76 6.93
CA ILE B 266 4.26 -4.06 5.85
C ILE B 266 4.97 -5.38 6.09
N ILE B 267 5.47 -5.58 7.31
CA ILE B 267 6.18 -6.81 7.65
C ILE B 267 5.26 -8.02 7.48
N ARG B 268 4.02 -7.89 7.96
CA ARG B 268 3.04 -8.96 7.78
C ARG B 268 2.84 -9.28 6.31
N ASP B 269 2.73 -8.23 5.50
CA ASP B 269 2.52 -8.40 4.08
C ASP B 269 3.69 -9.14 3.44
N LEU B 270 4.90 -8.78 3.86
CA LEU B 270 6.11 -9.41 3.34
C LEU B 270 6.16 -10.89 3.71
N ASN B 271 5.82 -11.19 4.95
CA ASN B 271 5.83 -12.56 5.45
C ASN B 271 4.78 -13.43 4.77
N SER B 272 3.79 -12.81 4.15
CA SER B 272 2.68 -13.54 3.56
C SER B 272 3.00 -13.99 2.14
N LEU B 273 4.18 -13.60 1.66
CA LEU B 273 4.62 -13.99 0.31
C LEU B 273 5.55 -15.20 0.36
N PHE B 274 5.01 -16.37 0.02
CA PHE B 274 5.83 -17.57 -0.12
C PHE B 274 5.05 -18.73 -0.73
N THR B 275 5.72 -19.86 -0.87
CA THR B 275 5.13 -21.06 -1.47
C THR B 275 3.93 -21.55 -0.68
N12 36H C . -21.16 -3.72 8.82
C13 36H C . -22.47 -3.27 8.89
C15 36H C . -24.24 -1.86 9.82
C20 36H C . -29.35 -0.80 9.11
C21 36H C . -29.05 -2.28 9.39
C22 36H C . -27.70 -2.79 8.88
C24 36H C . -30.68 0.38 10.98
C26 36H C . -32.25 -1.91 8.36
C28 36H C . -24.80 -3.35 8.12
C1 36H C . -24.41 -8.90 2.69
C2 36H C . -23.90 -7.45 2.75
C3 36H C . -25.03 -6.52 3.23
N4 36H C . -22.70 -7.35 3.58
C5 36H C . -22.40 -6.39 4.52
C6 36H C . -21.14 -6.70 5.07
C7 36H C . -20.78 -7.91 4.40
N8 36H C . -21.71 -8.29 3.51
C9 36H C . -20.38 -6.01 6.13
N10 36H C . -21.09 -5.20 6.95
C11 36H C . -20.44 -4.52 7.97
C14 36H C . -22.93 -2.29 9.77
C16 36H C . -25.26 -2.35 9.01
N17 36H C . -26.56 -1.89 9.08
C18 36H C . -26.86 -0.47 9.06
C19 36H C . -28.15 -0.07 9.72
N23 36H C . -30.73 -0.33 9.65
C25 36H C . -31.80 -1.40 9.77
O27 36H C . -31.63 -1.18 7.34
F29 36H C . -25.64 -3.93 7.25
C30 36H C . -23.47 -3.78 8.05
N31 36H C . -19.11 -4.64 8.18
C32 36H C . -18.44 -5.43 7.34
C33 36H C . -18.97 -6.15 6.29
C34 36H C . -18.02 -6.98 5.48
H121 36H C . -20.56 -3.19 9.43
H151 36H C . -24.50 -1.08 10.55
H201 36H C . -29.31 -0.65 7.98
H212 36H C . -29.89 -2.89 8.94
H211 36H C . -29.18 -2.52 10.47
H221 36H C . -27.82 -3.00 7.79
H222 36H C . -27.51 -3.78 9.36
H242 36H C . -31.51 1.06 11.16
H243 36H C . -29.76 0.98 11.14
H241 36H C . -30.73 -0.36 11.79
H261 36H C . -33.36 -1.89 8.26
H262 36H C . -31.96 -2.96 8.17
H013 36H C . -25.32 -9.01 2.09
H011 36H C . -24.65 -9.33 3.67
H012 36H C . -23.69 -9.58 2.22
H021 36H C . -23.61 -7.13 1.71
H032 36H C . -25.54 -6.85 4.14
H031 36H C . -25.83 -6.42 2.47
H033 36H C . -24.70 -5.48 3.40
H051 36H C . -23.08 -5.57 4.72
H071 36H C . -19.87 -8.49 4.52
H141 36H C . -22.24 -1.82 10.47
H182 36H C . -26.03 0.09 9.57
H181 36H C . -26.87 -0.07 8.02
H192 36H C . -28.11 -0.25 10.82
H191 36H C . -28.32 1.03 9.71
H252 36H C . -32.69 -1.06 10.34
H251 36H C . -31.44 -2.27 10.35
H271 36H C . -32.11 -0.37 7.23
H301 36H C . -23.21 -4.56 7.33
H321 36H C . -17.36 -5.46 7.57
H342 36H C . -18.35 -8.03 5.37
H341 36H C . -17.00 -7.06 5.91
H343 36H C . -17.84 -6.63 4.47
N12 36H D . 31.56 0.96 2.73
C13 36H D . 31.72 0.84 1.35
C15 36H D . 32.54 -0.29 -0.66
C20 36H D . 32.50 0.26 -5.84
C21 36H D . 33.17 1.40 -5.07
C22 36H D . 32.51 1.72 -3.74
C24 36H D . 34.25 -0.99 -7.26
C26 36H D . 32.45 2.22 -8.23
C28 36H D . 31.34 1.71 -0.91
C1 36H D . 27.22 8.32 0.70
C2 36H D . 26.91 6.81 0.69
C3 36H D . 27.32 6.22 -0.66
N4 36H D . 27.53 6.14 1.84
C5 36H D . 28.14 4.89 1.90
C6 36H D . 28.57 4.69 3.21
C7 36H D . 28.20 5.91 3.87
N8 36H D . 27.57 6.75 3.05
C9 36H D . 29.31 3.58 3.83
N10 36H D . 30.07 2.81 3.01
C11 36H D . 30.80 1.75 3.54
C14 36H D . 32.40 -0.21 0.71
C16 36H D . 32.01 0.65 -1.56
N17 36H D . 32.16 0.55 -2.92
C18 36H D . 31.80 -0.66 -3.65
C19 36H D . 32.60 -0.94 -4.90
N23 36H D . 33.12 0.01 -7.25
C25 36H D . 33.62 1.22 -7.97
O27 36H D . 31.21 1.69 -7.90
F29 36H D . 30.77 2.70 -1.62
C30 36H D . 31.20 1.80 0.48
N31 36H D . 30.81 1.46 4.85
C32 36H D . 30.06 2.23 5.64
C33 36H D . 29.28 3.30 5.24
C34 36H D . 28.53 4.03 6.30
H121 36H D . 31.93 0.16 3.20
H151 36H D . 33.08 -1.14 -1.08
H201 36H D . 31.41 0.52 -5.96
H212 36H D . 33.17 2.31 -5.73
H211 36H D . 34.26 1.22 -4.95
H221 36H D . 31.59 2.30 -3.95
H222 36H D . 33.18 2.40 -3.17
H242 36H D . 34.41 -1.50 -8.22
H243 36H D . 34.15 -1.81 -6.51
H241 36H D . 35.20 -0.48 -7.05
H261 36H D . 32.46 2.59 -9.28
H262 36H D . 32.52 3.14 -7.61
H013 36H D . 26.79 8.84 -0.17
H011 36H D . 28.29 8.55 0.67
H012 36H D . 26.81 8.83 1.57
H021 36H D . 25.79 6.68 0.78
H032 36H D . 28.34 6.47 -0.97
H031 36H D . 26.68 6.58 -1.49
H033 36H D . 27.23 5.13 -0.70
H051 36H D . 28.21 4.26 1.03
H071 36H D . 28.34 6.18 4.91
H141 36H D . 32.86 -1.01 1.28
H182 36H D . 31.92 -1.55 -2.97
H181 36H D . 30.72 -0.66 -3.93
H192 36H D . 33.66 -1.15 -4.65
H191 36H D . 32.31 -1.88 -5.40
H252 36H D . 34.13 0.98 -8.92
H251 36H D . 34.40 1.76 -7.38
H271 36H D . 30.87 1.25 -8.68
H301 36H D . 30.64 2.65 0.88
H321 36H D . 30.11 1.92 6.70
H342 36H D . 28.70 5.11 6.28
H341 36H D . 28.80 3.74 7.34
H343 36H D . 27.44 3.90 6.27
#